data_1KPV
#
_entry.id   1KPV
#
_cell.length_a   136.287
_cell.length_b   88.342
_cell.length_c   45.322
_cell.angle_alpha   90.00
_cell.angle_beta   90.00
_cell.angle_gamma   90.00
#
_symmetry.space_group_name_H-M   'P 21 21 2'
#
loop_
_entity.id
_entity.type
_entity.pdbx_description
1 polymer 'H-2 class I histocompatibility antigen, K-B alpha chain'
2 polymer beta-2-microglobulin
3 polymer 'Nucleocapsid protein'
4 branched 2-acetamido-2-deoxy-beta-D-glucopyranose-(1-4)-[alpha-L-fucopyranose-(1-6)]2-acetamido-2-deoxy-beta-D-glucopyranose
5 non-polymer 'PHOSPHATE ION'
6 non-polymer (4S)-2-METHYL-2,4-PENTANEDIOL
7 water water
#
loop_
_entity_poly.entity_id
_entity_poly.type
_entity_poly.pdbx_seq_one_letter_code
_entity_poly.pdbx_strand_id
1 'polypeptide(L)'
;GPHSLRYFVTAVSRPGLGEPRYMEVGYVDDTEFVRFDSDAENPRYEPRARWMEQEGPEYWERETQKAKGNEQSFRVDLRT
LLGYYNQSKGGSHTIQVISGCEVGSDGRLLRGYQQYAYDGCDYIALNEDLKTWTAADMAALITKHKWEQAGEAERLRAYL
EGTCVEWLRRYLKNGNATLLRTDSPKAHVTHHSRPEDKVTLRCWALGFYPADITLTWQLNGEELIQDMELVETRPAGDGT
FQKWASVVVPLGKEQYYTCHVYHQGLPEPLTLRW
;
A
2 'polypeptide(L)'
;IQKTPQIQVYSRHPPENGKPNILNCYVTQFHPPHIEIQMLKNGKKIPKVEMSDMSFSKDWSFYILAHTEFTPTETDTYAC
RVKHDSMAEPKTVYWDRDM
;
B
3 'polypeptide(L)' FAPGNYPAL P
#
loop_
_chem_comp.id
_chem_comp.type
_chem_comp.name
_chem_comp.formula
FUC L-saccharide, alpha linking alpha-L-fucopyranose 'C6 H12 O5'
MPD non-polymer (4S)-2-METHYL-2,4-PENTANEDIOL 'C6 H14 O2'
NAG D-saccharide, beta linking 2-acetamido-2-deoxy-beta-D-glucopyranose 'C8 H15 N O6'
PO4 non-polymer 'PHOSPHATE ION' 'O4 P -3'
#
# COMPACT_ATOMS: atom_id res chain seq x y z
N GLY A 1 5.81 18.57 7.89
CA GLY A 1 5.96 17.37 8.76
C GLY A 1 7.04 16.42 8.24
N PRO A 2 7.15 15.23 8.85
CA PRO A 2 8.12 14.21 8.39
C PRO A 2 7.75 13.57 7.08
N HIS A 3 8.74 12.98 6.43
CA HIS A 3 8.56 12.37 5.14
C HIS A 3 9.37 11.08 5.10
N SER A 4 9.04 10.22 4.14
CA SER A 4 9.72 8.95 4.05
C SER A 4 10.00 8.55 2.61
N LEU A 5 11.07 7.75 2.43
CA LEU A 5 11.41 7.15 1.14
C LEU A 5 11.47 5.64 1.37
N ARG A 6 10.61 4.91 0.74
CA ARG A 6 10.55 3.46 0.97
C ARG A 6 10.59 2.67 -0.29
N TYR A 7 11.21 1.53 -0.26
CA TYR A 7 11.24 0.59 -1.38
C TYR A 7 10.72 -0.79 -0.90
N PHE A 8 9.65 -1.26 -1.51
CA PHE A 8 9.03 -2.55 -1.25
C PHE A 8 9.44 -3.52 -2.35
N VAL A 9 10.11 -4.61 -1.99
CA VAL A 9 10.60 -5.60 -2.93
C VAL A 9 9.89 -6.91 -2.65
N THR A 10 9.48 -7.59 -3.71
CA THR A 10 8.82 -8.91 -3.60
C THR A 10 9.34 -9.84 -4.68
N ALA A 11 9.76 -11.03 -4.27
CA ALA A 11 10.16 -12.05 -5.24
C ALA A 11 9.33 -13.31 -4.94
N VAL A 12 8.73 -13.88 -5.97
CA VAL A 12 7.80 -15.00 -5.84
C VAL A 12 8.14 -16.09 -6.83
N SER A 13 8.55 -17.25 -6.31
CA SER A 13 8.88 -18.38 -7.20
C SER A 13 7.59 -18.96 -7.81
N ARG A 14 7.72 -19.58 -8.98
CA ARG A 14 6.59 -20.22 -9.66
C ARG A 14 7.15 -21.43 -10.41
N PRO A 15 7.38 -22.46 -9.64
CA PRO A 15 7.99 -23.69 -10.17
C PRO A 15 7.12 -24.22 -11.31
N GLY A 16 7.78 -24.57 -12.40
CA GLY A 16 7.12 -25.07 -13.61
C GLY A 16 6.69 -23.96 -14.54
N LEU A 17 6.84 -22.72 -14.10
CA LEU A 17 6.38 -21.60 -14.88
C LEU A 17 7.48 -20.61 -15.16
N GLY A 18 8.73 -21.01 -15.04
CA GLY A 18 9.82 -20.11 -15.38
C GLY A 18 10.39 -19.40 -14.16
N GLU A 19 11.03 -18.27 -14.45
CA GLU A 19 11.68 -17.48 -13.42
C GLU A 19 10.69 -16.86 -12.42
N PRO A 20 11.14 -16.56 -11.21
CA PRO A 20 10.27 -15.90 -10.23
C PRO A 20 9.76 -14.54 -10.72
N ARG A 21 8.61 -14.13 -10.19
CA ARG A 21 8.06 -12.79 -10.42
C ARG A 21 8.86 -11.88 -9.51
N TYR A 22 9.37 -10.78 -10.04
CA TYR A 22 10.17 -9.84 -9.24
C TYR A 22 9.59 -8.44 -9.39
N MET A 23 9.28 -7.79 -8.28
CA MET A 23 8.77 -6.43 -8.34
C MET A 23 9.41 -5.51 -7.30
N GLU A 24 9.61 -4.26 -7.68
CA GLU A 24 10.05 -3.26 -6.77
C GLU A 24 9.06 -2.11 -6.92
N VAL A 25 8.59 -1.55 -5.79
CA VAL A 25 7.72 -0.41 -5.83
C VAL A 25 8.25 0.60 -4.80
N GLY A 26 8.53 1.79 -5.25
CA GLY A 26 9.04 2.88 -4.47
C GLY A 26 7.96 3.89 -4.14
N TYR A 27 8.00 4.37 -2.90
CA TYR A 27 7.12 5.41 -2.39
C TYR A 27 7.81 6.61 -1.75
N VAL A 28 7.33 7.83 -2.02
CA VAL A 28 7.64 8.97 -1.18
C VAL A 28 6.32 9.21 -0.40
N ASP A 29 6.44 9.18 0.91
CA ASP A 29 5.27 9.22 1.79
C ASP A 29 4.35 8.09 1.37
N ASP A 30 3.06 8.33 1.16
CA ASP A 30 2.19 7.22 0.75
C ASP A 30 1.86 7.31 -0.75
N THR A 31 2.73 7.95 -1.52
CA THR A 31 2.53 8.05 -2.93
C THR A 31 3.53 7.24 -3.77
N GLU A 32 3.00 6.36 -4.59
CA GLU A 32 3.83 5.53 -5.46
C GLU A 32 4.57 6.48 -6.46
N PHE A 33 5.89 6.29 -6.58
CA PHE A 33 6.64 7.17 -7.48
C PHE A 33 7.53 6.46 -8.52
N VAL A 34 7.87 5.19 -8.31
CA VAL A 34 8.67 4.38 -9.25
C VAL A 34 8.28 2.93 -9.11
N ARG A 35 8.52 2.13 -10.14
CA ARG A 35 8.17 0.70 -10.07
C ARG A 35 8.97 -0.06 -11.14
N PHE A 36 9.24 -1.31 -10.82
CA PHE A 36 9.88 -2.29 -11.69
C PHE A 36 9.09 -3.55 -11.57
N ASP A 37 8.77 -4.19 -12.68
CA ASP A 37 8.06 -5.46 -12.69
C ASP A 37 8.66 -6.38 -13.75
N SER A 38 9.21 -7.51 -13.32
CA SER A 38 9.83 -8.48 -14.23
C SER A 38 8.87 -9.03 -15.26
N ASP A 39 7.57 -8.95 -15.03
CA ASP A 39 6.61 -9.53 -15.97
C ASP A 39 6.18 -8.59 -17.10
N ALA A 40 6.74 -7.40 -17.09
CA ALA A 40 6.50 -6.44 -18.18
C ALA A 40 7.18 -6.94 -19.42
N GLU A 41 6.67 -6.50 -20.57
CA GLU A 41 7.25 -6.84 -21.88
C GLU A 41 8.75 -6.54 -21.95
N ASN A 42 9.14 -5.30 -21.63
CA ASN A 42 10.56 -4.89 -21.55
C ASN A 42 10.80 -4.29 -20.15
N PRO A 43 11.12 -5.13 -19.18
CA PRO A 43 11.16 -4.67 -17.79
C PRO A 43 12.16 -3.57 -17.60
N ARG A 44 11.69 -2.49 -17.00
CA ARG A 44 12.56 -1.35 -16.71
C ARG A 44 11.97 -0.58 -15.57
N TYR A 45 12.80 0.18 -14.85
CA TYR A 45 12.29 1.06 -13.83
C TYR A 45 11.52 2.15 -14.53
N GLU A 46 10.34 2.48 -14.04
CA GLU A 46 9.49 3.50 -14.62
C GLU A 46 8.98 4.47 -13.60
N PRO A 47 8.72 5.71 -14.01
CA PRO A 47 8.12 6.71 -13.14
C PRO A 47 6.63 6.43 -12.92
N ARG A 48 6.17 6.67 -11.71
CA ARG A 48 4.76 6.47 -11.37
C ARG A 48 4.10 7.76 -10.87
N ALA A 49 4.91 8.80 -10.71
CA ALA A 49 4.42 10.16 -10.35
C ALA A 49 5.00 11.13 -11.40
N ARG A 50 4.21 12.13 -11.73
CA ARG A 50 4.52 13.10 -12.79
C ARG A 50 5.85 13.82 -12.57
N TRP A 51 6.12 14.18 -11.31
CA TRP A 51 7.34 14.92 -11.01
C TRP A 51 8.63 14.17 -11.34
N MET A 52 8.57 12.85 -11.43
CA MET A 52 9.75 12.04 -11.78
C MET A 52 10.22 12.27 -13.25
N GLU A 53 9.44 13.01 -14.01
CA GLU A 53 9.89 13.45 -15.35
C GLU A 53 11.12 14.34 -15.24
N GLN A 54 11.44 14.83 -14.04
CA GLN A 54 12.60 15.68 -13.81
C GLN A 54 13.93 14.97 -13.76
N GLU A 55 13.95 13.63 -13.71
CA GLU A 55 15.19 12.90 -13.75
C GLU A 55 15.53 12.64 -15.20
N GLY A 56 16.81 12.62 -15.50
CA GLY A 56 17.25 12.37 -16.86
C GLY A 56 17.32 10.87 -17.13
N PRO A 57 17.69 10.56 -18.36
CA PRO A 57 17.72 9.17 -18.80
C PRO A 57 18.70 8.34 -18.02
N GLU A 58 19.79 8.93 -17.53
CA GLU A 58 20.79 8.18 -16.83
C GLU A 58 20.19 7.59 -15.51
N TYR A 59 19.31 8.35 -14.89
CA TYR A 59 18.65 7.86 -13.66
C TYR A 59 17.96 6.53 -13.88
N TRP A 60 17.11 6.50 -14.91
CA TRP A 60 16.34 5.33 -15.29
C TRP A 60 17.22 4.17 -15.70
N GLU A 61 18.28 4.46 -16.44
CA GLU A 61 19.19 3.43 -16.84
C GLU A 61 19.86 2.79 -15.59
N ARG A 62 20.31 3.60 -14.64
CA ARG A 62 20.93 3.06 -13.41
C ARG A 62 19.98 2.27 -12.56
N GLU A 63 18.79 2.80 -12.36
CA GLU A 63 17.81 2.10 -11.53
C GLU A 63 17.45 0.78 -12.18
N THR A 64 17.33 0.78 -13.50
CA THR A 64 17.01 -0.44 -14.23
C THR A 64 18.08 -1.54 -14.09
N GLN A 65 19.35 -1.15 -14.23
CA GLN A 65 20.47 -2.06 -14.06
C GLN A 65 20.48 -2.62 -12.66
N LYS A 66 20.26 -1.75 -11.68
CA LYS A 66 20.19 -2.19 -10.28
C LYS A 66 19.07 -3.23 -10.06
N ALA A 67 17.88 -2.93 -10.57
CA ALA A 67 16.75 -3.84 -10.45
C ALA A 67 17.07 -5.20 -11.08
N LYS A 68 17.69 -5.21 -12.26
CA LYS A 68 18.04 -6.47 -12.89
C LYS A 68 19.00 -7.32 -12.04
N GLY A 69 19.96 -6.65 -11.44
CA GLY A 69 20.91 -7.32 -10.56
C GLY A 69 20.18 -7.87 -9.33
N ASN A 70 19.26 -7.08 -8.81
CA ASN A 70 18.50 -7.43 -7.60
C ASN A 70 17.66 -8.65 -7.91
N GLU A 71 17.02 -8.64 -9.07
CA GLU A 71 16.22 -9.78 -9.49
C GLU A 71 17.04 -11.08 -9.38
N GLN A 72 18.27 -11.06 -9.91
CA GLN A 72 19.12 -12.26 -9.85
C GLN A 72 19.52 -12.63 -8.44
N SER A 73 19.81 -11.66 -7.60
CA SER A 73 20.15 -11.97 -6.20
C SER A 73 18.94 -12.60 -5.45
N PHE A 74 17.73 -12.09 -5.69
CA PHE A 74 16.57 -12.72 -5.10
C PHE A 74 16.25 -14.11 -5.67
N ARG A 75 16.57 -14.38 -6.94
CA ARG A 75 16.41 -15.70 -7.50
C ARG A 75 17.31 -16.65 -6.74
N VAL A 76 18.56 -16.25 -6.50
CA VAL A 76 19.48 -17.04 -5.71
C VAL A 76 18.91 -17.28 -4.31
N ASP A 77 18.41 -16.20 -3.70
CA ASP A 77 17.84 -16.28 -2.36
C ASP A 77 16.72 -17.34 -2.23
N LEU A 78 15.87 -17.40 -3.23
CA LEU A 78 14.77 -18.36 -3.21
C LEU A 78 15.30 -19.75 -3.16
N ARG A 79 16.30 -20.04 -3.97
CA ARG A 79 16.98 -21.35 -3.93
C ARG A 79 17.63 -21.63 -2.58
N THR A 80 18.39 -20.68 -2.07
CA THR A 80 19.08 -20.82 -0.80
C THR A 80 18.13 -21.18 0.31
N LEU A 81 17.01 -20.48 0.40
CA LEU A 81 16.03 -20.69 1.45
C LEU A 81 15.37 -22.06 1.35
N LEU A 82 15.21 -22.60 0.15
CA LEU A 82 14.80 -24.01 0.05
C LEU A 82 15.73 -24.94 0.83
N GLY A 83 17.03 -24.66 0.75
CA GLY A 83 18.03 -25.42 1.48
C GLY A 83 17.96 -25.18 2.96
N TYR A 84 17.88 -23.91 3.37
CA TYR A 84 17.87 -23.61 4.80
C TYR A 84 16.65 -24.24 5.46
N TYR A 85 15.52 -24.24 4.79
CA TYR A 85 14.29 -24.71 5.39
C TYR A 85 13.93 -26.16 5.02
N ASN A 86 14.79 -26.80 4.24
CA ASN A 86 14.55 -28.17 3.73
C ASN A 86 13.19 -28.34 3.08
N GLN A 87 12.88 -27.46 2.11
CA GLN A 87 11.64 -27.46 1.37
C GLN A 87 11.85 -27.95 -0.03
N SER A 88 10.78 -28.41 -0.67
CA SER A 88 10.78 -28.92 -2.02
C SER A 88 10.79 -27.85 -3.08
N LYS A 89 11.23 -28.22 -4.27
CA LYS A 89 11.29 -27.30 -5.40
C LYS A 89 9.95 -27.12 -6.09
N GLY A 90 8.91 -27.80 -5.63
CA GLY A 90 7.62 -27.75 -6.31
C GLY A 90 6.64 -26.67 -5.86
N GLY A 91 6.91 -26.10 -4.68
CA GLY A 91 6.06 -25.10 -4.07
C GLY A 91 6.47 -23.66 -4.38
N SER A 92 5.51 -22.77 -4.37
CA SER A 92 5.77 -21.33 -4.50
C SER A 92 6.09 -20.73 -3.11
N HIS A 93 7.10 -19.87 -3.11
CA HIS A 93 7.48 -19.14 -1.91
C HIS A 93 7.71 -17.68 -2.19
N THR A 94 7.69 -16.88 -1.13
CA THR A 94 7.75 -15.42 -1.30
C THR A 94 8.80 -14.81 -0.39
N ILE A 95 9.66 -13.95 -0.92
CA ILE A 95 10.55 -13.11 -0.14
C ILE A 95 10.04 -11.67 -0.30
N GLN A 96 9.95 -10.97 0.81
CA GLN A 96 9.60 -9.56 0.85
C GLN A 96 10.65 -8.78 1.59
N VAL A 97 10.93 -7.56 1.12
CA VAL A 97 11.83 -6.66 1.81
C VAL A 97 11.22 -5.25 1.80
N ILE A 98 11.36 -4.56 2.90
CA ILE A 98 11.08 -3.13 2.98
C ILE A 98 12.34 -2.46 3.49
N SER A 99 12.76 -1.42 2.76
CA SER A 99 13.90 -0.59 3.09
C SER A 99 13.46 0.88 3.02
N GLY A 100 13.96 1.72 3.91
CA GLY A 100 13.56 3.10 3.87
C GLY A 100 14.23 3.96 4.89
N CYS A 101 14.02 5.26 4.68
CA CYS A 101 14.48 6.28 5.59
C CYS A 101 13.40 7.28 5.78
N GLU A 102 13.42 7.93 6.93
CA GLU A 102 12.49 8.96 7.25
C GLU A 102 13.26 10.18 7.76
N VAL A 103 12.79 11.34 7.33
CA VAL A 103 13.37 12.60 7.78
C VAL A 103 12.29 13.46 8.43
N GLY A 104 12.71 14.40 9.29
CA GLY A 104 11.75 15.33 9.86
C GLY A 104 11.48 16.47 8.91
N SER A 105 10.76 17.48 9.41
CA SER A 105 10.40 18.58 8.53
C SER A 105 11.61 19.44 8.09
N ASP A 106 12.69 19.35 8.83
CA ASP A 106 13.95 20.03 8.54
C ASP A 106 14.88 19.20 7.62
N GLY A 107 14.41 18.03 7.18
CA GLY A 107 15.26 17.25 6.30
C GLY A 107 16.27 16.37 7.00
N ARG A 108 16.33 16.37 8.34
CA ARG A 108 17.31 15.53 9.03
C ARG A 108 16.77 14.12 9.27
N LEU A 109 17.63 13.11 9.14
CA LEU A 109 17.25 11.72 9.42
C LEU A 109 16.60 11.51 10.77
N LEU A 110 15.47 10.81 10.77
CA LEU A 110 14.81 10.37 12.00
C LEU A 110 15.07 8.91 12.23
N ARG A 111 14.97 8.10 11.18
CA ARG A 111 15.18 6.67 11.29
C ARG A 111 15.39 6.03 9.93
N GLY A 112 16.05 4.89 9.96
CA GLY A 112 16.23 4.07 8.78
C GLY A 112 15.93 2.63 9.10
N TYR A 113 15.59 1.85 8.09
CA TYR A 113 15.26 0.46 8.33
C TYR A 113 15.37 -0.44 7.12
N GLN A 114 15.57 -1.72 7.38
CA GLN A 114 15.47 -2.76 6.34
C GLN A 114 15.05 -4.04 7.01
N GLN A 115 13.95 -4.61 6.55
CA GLN A 115 13.41 -5.86 7.12
C GLN A 115 13.01 -6.78 5.98
N TYR A 116 13.28 -8.08 6.19
CA TYR A 116 12.99 -9.16 5.29
C TYR A 116 11.97 -10.11 5.90
N ALA A 117 11.14 -10.73 5.04
CA ALA A 117 10.20 -11.78 5.42
C ALA A 117 10.28 -12.90 4.40
N TYR A 118 10.02 -14.12 4.84
CA TYR A 118 9.95 -15.27 3.99
C TYR A 118 8.59 -15.89 4.26
N ASP A 119 7.82 -16.10 3.21
CA ASP A 119 6.48 -16.65 3.32
C ASP A 119 5.63 -15.92 4.35
N GLY A 120 5.77 -14.61 4.37
CA GLY A 120 4.97 -13.78 5.23
C GLY A 120 5.31 -13.72 6.69
N CYS A 121 6.43 -14.27 7.09
CA CYS A 121 6.91 -14.24 8.48
C CYS A 121 8.27 -13.55 8.55
N ASP A 122 8.49 -12.79 9.60
CA ASP A 122 9.77 -12.13 9.84
C ASP A 122 10.94 -13.07 9.65
N TYR A 123 11.95 -12.60 8.94
CA TYR A 123 13.15 -13.36 8.67
C TYR A 123 14.35 -12.70 9.34
N ILE A 124 14.74 -11.54 8.86
CA ILE A 124 15.83 -10.80 9.45
C ILE A 124 15.55 -9.31 9.33
N ALA A 125 16.09 -8.56 10.26
CA ALA A 125 15.90 -7.14 10.27
C ALA A 125 17.10 -6.37 10.80
N LEU A 126 17.34 -5.22 10.19
CA LEU A 126 18.36 -4.33 10.73
C LEU A 126 17.83 -3.72 12.04
N ASN A 127 18.66 -3.72 13.09
CA ASN A 127 18.29 -3.04 14.34
C ASN A 127 18.28 -1.52 14.22
N GLU A 128 17.61 -0.87 15.18
CA GLU A 128 17.48 0.59 15.14
C GLU A 128 18.80 1.34 15.06
N ASP A 129 19.83 0.73 15.60
CA ASP A 129 21.16 1.28 15.59
C ASP A 129 21.85 1.31 14.26
N LEU A 130 21.29 0.62 13.26
CA LEU A 130 21.87 0.52 11.94
C LEU A 130 23.23 -0.18 11.94
N LYS A 131 23.50 -0.93 13.00
CA LYS A 131 24.76 -1.63 13.15
C LYS A 131 24.69 -3.14 13.19
N THR A 132 23.64 -3.70 13.75
CA THR A 132 23.51 -5.15 13.84
C THR A 132 22.14 -5.57 13.36
N TRP A 133 22.03 -6.87 13.14
CA TRP A 133 20.84 -7.50 12.65
C TRP A 133 20.20 -8.32 13.73
N THR A 134 18.91 -8.52 13.59
CA THR A 134 18.21 -9.48 14.44
C THR A 134 17.54 -10.54 13.58
N ALA A 135 17.78 -11.80 13.93
CA ALA A 135 17.27 -12.98 13.22
C ALA A 135 16.09 -13.70 13.89
N ALA A 136 15.08 -14.01 13.12
CA ALA A 136 13.85 -14.62 13.65
C ALA A 136 13.95 -16.13 13.95
N ASP A 137 14.83 -16.81 13.24
CA ASP A 137 14.98 -18.28 13.36
C ASP A 137 16.43 -18.71 13.01
N MET A 138 16.70 -20.00 12.99
CA MET A 138 18.09 -20.42 12.80
C MET A 138 18.57 -20.25 11.35
N ALA A 139 17.64 -20.19 10.39
CA ALA A 139 17.99 -19.94 8.98
C ALA A 139 18.55 -18.50 8.87
N ALA A 140 17.81 -17.54 9.44
CA ALA A 140 18.21 -16.15 9.43
C ALA A 140 19.49 -15.92 10.21
N LEU A 141 19.80 -16.84 11.14
CA LEU A 141 21.04 -16.76 11.89
C LEU A 141 22.25 -17.04 10.97
N ILE A 142 22.05 -17.91 9.99
CA ILE A 142 23.06 -18.17 8.96
C ILE A 142 23.31 -16.90 8.15
N THR A 143 22.21 -16.25 7.76
CA THR A 143 22.33 -15.00 7.03
C THR A 143 23.03 -13.95 7.88
N LYS A 144 22.64 -13.81 9.15
CA LYS A 144 23.21 -12.79 10.03
C LYS A 144 24.74 -12.95 10.05
N HIS A 145 25.18 -14.19 10.22
CA HIS A 145 26.61 -14.51 10.29
C HIS A 145 27.32 -14.18 8.97
N LYS A 146 26.74 -14.52 7.83
CA LYS A 146 27.28 -14.12 6.53
C LYS A 146 27.43 -12.59 6.45
N TRP A 147 26.35 -11.89 6.82
CA TRP A 147 26.34 -10.46 6.64
C TRP A 147 27.29 -9.74 7.58
N GLU A 148 27.49 -10.30 8.76
CA GLU A 148 28.44 -9.75 9.70
C GLU A 148 29.87 -9.93 9.17
N GLN A 149 30.22 -11.11 8.69
CA GLN A 149 31.57 -11.32 8.15
C GLN A 149 31.86 -10.46 6.92
N ALA A 150 30.84 -10.15 6.14
CA ALA A 150 31.02 -9.31 4.95
C ALA A 150 30.91 -7.79 5.15
N GLY A 151 30.55 -7.38 6.35
CA GLY A 151 30.39 -5.96 6.69
C GLY A 151 29.21 -5.29 6.01
N GLU A 152 28.13 -6.02 5.85
CA GLU A 152 27.01 -5.48 5.09
C GLU A 152 26.29 -4.34 5.78
N ALA A 153 26.22 -4.40 7.11
CA ALA A 153 25.51 -3.35 7.86
C ALA A 153 26.11 -2.00 7.61
N GLU A 154 27.45 -1.90 7.56
CA GLU A 154 28.10 -0.61 7.34
C GLU A 154 27.68 -0.02 5.97
N ARG A 155 27.63 -0.85 4.95
CA ARG A 155 27.28 -0.36 3.63
C ARG A 155 25.79 0.07 3.61
N LEU A 156 24.96 -0.68 4.29
CA LEU A 156 23.53 -0.37 4.32
C LEU A 156 23.30 0.91 5.08
N ARG A 157 23.98 1.04 6.22
CA ARG A 157 23.90 2.24 7.04
C ARG A 157 24.29 3.51 6.23
N ALA A 158 25.32 3.42 5.40
CA ALA A 158 25.75 4.53 4.58
C ALA A 158 24.67 4.91 3.54
N TYR A 159 24.01 3.90 2.99
CA TYR A 159 22.86 4.11 2.11
C TYR A 159 21.75 4.82 2.87
N LEU A 160 21.38 4.30 4.03
CA LEU A 160 20.25 4.81 4.77
C LEU A 160 20.45 6.23 5.29
N GLU A 161 21.63 6.54 5.83
CA GLU A 161 21.90 7.86 6.35
C GLU A 161 22.27 8.87 5.31
N GLY A 162 22.82 8.37 4.21
CA GLY A 162 23.33 9.17 3.14
C GLY A 162 22.45 9.26 1.94
N THR A 163 22.65 8.35 1.01
CA THR A 163 21.96 8.33 -0.25
C THR A 163 20.45 8.48 -0.13
N CYS A 164 19.88 7.67 0.74
CA CYS A 164 18.45 7.62 0.93
C CYS A 164 17.93 9.01 1.35
N VAL A 165 18.58 9.61 2.34
CA VAL A 165 18.22 10.96 2.81
C VAL A 165 18.37 12.02 1.70
N GLU A 166 19.52 12.01 1.01
CA GLU A 166 19.78 13.02 -0.01
C GLU A 166 18.79 12.97 -1.16
N TRP A 167 18.47 11.77 -1.62
CA TRP A 167 17.51 11.59 -2.67
C TRP A 167 16.08 11.91 -2.20
N LEU A 168 15.73 11.52 -0.97
CA LEU A 168 14.42 11.91 -0.45
C LEU A 168 14.27 13.45 -0.50
N ARG A 169 15.29 14.16 -0.03
CA ARG A 169 15.24 15.63 -0.04
C ARG A 169 15.05 16.15 -1.44
N ARG A 170 15.78 15.57 -2.39
CA ARG A 170 15.65 15.93 -3.78
C ARG A 170 14.24 15.71 -4.35
N TYR A 171 13.61 14.58 -4.05
CA TYR A 171 12.25 14.27 -4.46
C TYR A 171 11.26 15.27 -3.86
N LEU A 172 11.44 15.60 -2.58
CA LEU A 172 10.57 16.58 -1.93
C LEU A 172 10.68 17.96 -2.60
N LYS A 173 11.86 18.33 -3.02
CA LYS A 173 12.05 19.56 -3.78
C LYS A 173 11.40 19.48 -5.14
N ASN A 174 11.77 18.48 -5.91
CA ASN A 174 11.30 18.34 -7.28
C ASN A 174 9.79 18.17 -7.31
N GLY A 175 9.23 17.36 -6.42
CA GLY A 175 7.82 17.08 -6.42
C GLY A 175 7.04 17.90 -5.40
N ASN A 176 7.58 19.04 -5.00
CA ASN A 176 6.94 19.85 -3.97
C ASN A 176 5.43 20.14 -4.19
N ALA A 177 5.05 20.46 -5.42
CA ALA A 177 3.67 20.76 -5.72
C ALA A 177 2.70 19.60 -5.40
N THR A 178 3.19 18.37 -5.53
CA THR A 178 2.42 17.18 -5.21
C THR A 178 2.61 16.75 -3.73
N LEU A 179 3.85 16.61 -3.31
CA LEU A 179 4.21 16.01 -2.04
C LEU A 179 3.98 16.91 -0.83
N LEU A 180 4.10 18.22 -1.03
CA LEU A 180 4.01 19.14 0.08
C LEU A 180 2.68 19.86 0.12
N ARG A 181 1.74 19.46 -0.72
CA ARG A 181 0.40 20.04 -0.73
C ARG A 181 -0.48 19.48 0.40
N THR A 182 -1.58 20.16 0.63
CA THR A 182 -2.60 19.71 1.54
C THR A 182 -3.95 19.79 0.87
N ASP A 183 -4.66 18.67 0.74
CA ASP A 183 -6.02 18.69 0.22
C ASP A 183 -6.92 18.36 1.38
N SER A 184 -7.81 19.29 1.72
CA SER A 184 -8.72 19.15 2.86
C SER A 184 -9.77 18.10 2.60
N PRO A 185 -10.12 17.26 3.57
CA PRO A 185 -11.23 16.32 3.42
C PRO A 185 -12.57 17.03 3.24
N LYS A 186 -13.45 16.43 2.44
CA LYS A 186 -14.86 16.81 2.34
C LYS A 186 -15.59 15.63 2.95
N ALA A 187 -16.49 15.93 3.86
CA ALA A 187 -17.18 14.89 4.58
C ALA A 187 -18.69 14.89 4.37
N HIS A 188 -19.23 13.71 4.57
CA HIS A 188 -20.67 13.51 4.60
C HIS A 188 -21.05 12.26 5.36
N VAL A 189 -22.33 12.19 5.75
CA VAL A 189 -22.85 11.09 6.50
C VAL A 189 -23.98 10.39 5.76
N THR A 190 -23.94 9.06 5.70
CA THR A 190 -25.06 8.28 5.12
C THR A 190 -25.76 7.55 6.26
N HIS A 191 -26.98 7.08 5.98
CA HIS A 191 -27.90 6.55 6.98
C HIS A 191 -28.48 5.25 6.41
N HIS A 192 -28.51 4.19 7.20
CA HIS A 192 -29.01 2.90 6.77
C HIS A 192 -29.80 2.21 7.87
N SER A 193 -30.98 1.73 7.52
CA SER A 193 -31.83 1.06 8.49
C SER A 193 -31.28 -0.32 8.83
N ARG A 194 -31.68 -0.81 9.99
CA ARG A 194 -31.27 -2.11 10.47
C ARG A 194 -32.50 -2.67 11.17
N PRO A 195 -32.55 -3.96 11.44
CA PRO A 195 -33.64 -4.49 12.29
C PRO A 195 -33.49 -4.01 13.74
N GLU A 196 -34.51 -4.22 14.54
CA GLU A 196 -34.44 -3.83 15.95
C GLU A 196 -34.32 -2.34 16.19
N ASP A 197 -35.02 -1.53 15.40
CA ASP A 197 -35.03 -0.08 15.59
C ASP A 197 -33.63 0.51 15.85
N LYS A 198 -32.65 0.06 15.06
CA LYS A 198 -31.29 0.61 15.13
C LYS A 198 -30.94 1.19 13.77
N VAL A 199 -29.99 2.11 13.74
CA VAL A 199 -29.61 2.71 12.49
C VAL A 199 -28.10 2.74 12.35
N THR A 200 -27.60 2.54 11.13
CA THR A 200 -26.17 2.67 10.91
C THR A 200 -25.87 4.05 10.37
N LEU A 201 -24.98 4.80 11.03
CA LEU A 201 -24.56 6.10 10.56
C LEU A 201 -23.10 5.95 10.08
N ARG A 202 -22.85 6.35 8.84
CA ARG A 202 -21.51 6.22 8.27
C ARG A 202 -20.96 7.56 7.92
N CYS A 203 -19.80 7.90 8.47
CA CYS A 203 -19.16 9.16 8.20
C CYS A 203 -18.05 8.92 7.19
N TRP A 204 -18.17 9.61 6.08
CA TRP A 204 -17.22 9.53 4.99
C TRP A 204 -16.30 10.75 4.98
N ALA A 205 -15.04 10.53 4.71
CA ALA A 205 -14.08 11.61 4.44
C ALA A 205 -13.48 11.31 3.08
N LEU A 206 -13.56 12.29 2.19
CA LEU A 206 -13.11 12.15 0.81
C LEU A 206 -12.13 13.22 0.38
N GLY A 207 -11.37 12.87 -0.65
CA GLY A 207 -10.54 13.82 -1.37
C GLY A 207 -9.39 14.42 -0.64
N PHE A 208 -8.85 13.74 0.35
CA PHE A 208 -7.79 14.37 1.16
C PHE A 208 -6.33 13.89 0.88
N TYR A 209 -5.40 14.75 1.25
CA TYR A 209 -3.98 14.52 1.11
C TYR A 209 -3.31 15.41 2.15
N PRO A 210 -2.33 14.90 2.91
CA PRO A 210 -1.84 13.53 2.94
C PRO A 210 -2.79 12.53 3.61
N ALA A 211 -2.36 11.28 3.72
CA ALA A 211 -3.22 10.21 4.14
C ALA A 211 -3.63 10.22 5.60
N ASP A 212 -2.78 10.77 6.47
CA ASP A 212 -3.11 10.72 7.90
C ASP A 212 -4.36 11.48 8.21
N ILE A 213 -5.29 10.82 8.90
CA ILE A 213 -6.53 11.45 9.26
C ILE A 213 -7.10 10.75 10.47
N THR A 214 -8.02 11.40 11.17
CA THR A 214 -8.69 10.73 12.27
C THR A 214 -10.18 11.01 12.10
N LEU A 215 -10.98 9.95 12.17
CA LEU A 215 -12.44 10.04 12.14
C LEU A 215 -13.00 9.42 13.39
N THR A 216 -13.79 10.18 14.12
CA THR A 216 -14.39 9.65 15.32
C THR A 216 -15.86 10.03 15.32
N TRP A 217 -16.62 9.28 16.10
CA TRP A 217 -18.01 9.56 16.36
C TRP A 217 -18.09 9.91 17.87
N GLN A 218 -18.93 10.87 18.23
CA GLN A 218 -19.17 11.24 19.64
C GLN A 218 -20.63 11.30 20.02
N LEU A 219 -20.88 11.02 21.29
CA LEU A 219 -22.18 11.10 21.90
C LEU A 219 -21.92 11.59 23.33
N ASN A 220 -22.70 12.51 23.85
CA ASN A 220 -22.47 12.92 25.25
C ASN A 220 -20.98 13.31 25.41
N GLY A 221 -20.50 14.11 24.44
CA GLY A 221 -19.13 14.58 24.36
C GLY A 221 -18.02 13.55 24.47
N GLU A 222 -18.34 12.27 24.34
CA GLU A 222 -17.35 11.19 24.45
C GLU A 222 -17.11 10.61 23.06
N GLU A 223 -15.88 10.17 22.82
CA GLU A 223 -15.59 9.44 21.59
C GLU A 223 -16.16 8.06 21.82
N LEU A 224 -16.61 7.42 20.75
CA LEU A 224 -17.19 6.08 20.81
C LEU A 224 -16.30 5.05 20.17
N ILE A 225 -15.04 5.36 19.99
CA ILE A 225 -14.08 4.45 19.32
C ILE A 225 -14.31 2.95 19.52
N GLN A 226 -14.78 2.58 20.71
CA GLN A 226 -14.96 1.19 21.05
C GLN A 226 -16.05 0.54 20.19
N ASP A 227 -17.06 1.31 19.80
CA ASP A 227 -18.18 0.71 19.06
C ASP A 227 -18.16 0.96 17.53
N MET A 228 -17.14 1.68 17.06
CA MET A 228 -17.09 2.01 15.64
C MET A 228 -16.58 0.87 14.75
N GLU A 229 -17.02 0.89 13.50
CA GLU A 229 -16.43 0.01 12.49
C GLU A 229 -15.76 0.96 11.51
N LEU A 230 -14.67 0.53 10.92
CA LEU A 230 -14.06 1.42 9.96
C LEU A 230 -13.23 0.68 8.96
N VAL A 231 -12.77 1.42 7.98
CA VAL A 231 -11.84 0.86 7.03
C VAL A 231 -10.53 1.59 7.16
N GLU A 232 -9.46 0.88 6.82
CA GLU A 232 -8.15 1.48 6.76
C GLU A 232 -8.19 2.57 5.69
N THR A 233 -7.47 3.65 5.87
CA THR A 233 -7.45 4.75 4.90
C THR A 233 -6.96 4.17 3.57
N ARG A 234 -7.53 4.62 2.48
CA ARG A 234 -7.29 3.97 1.21
C ARG A 234 -7.17 4.94 0.04
N PRO A 235 -6.32 4.59 -0.93
CA PRO A 235 -6.11 5.46 -2.09
C PRO A 235 -7.35 5.47 -2.98
N ALA A 236 -7.64 6.62 -3.59
CA ALA A 236 -8.87 6.78 -4.39
C ALA A 236 -8.64 6.90 -5.88
N GLY A 237 -7.43 6.59 -6.34
CA GLY A 237 -7.16 6.47 -7.78
C GLY A 237 -6.54 7.66 -8.48
N ASP A 238 -6.46 8.77 -7.77
CA ASP A 238 -5.95 10.05 -8.30
C ASP A 238 -4.92 10.72 -7.38
N GLY A 239 -4.31 9.97 -6.51
CA GLY A 239 -3.32 10.51 -5.55
C GLY A 239 -3.91 11.09 -4.29
N THR A 240 -5.21 10.94 -4.08
CA THR A 240 -5.83 11.35 -2.85
C THR A 240 -6.34 10.10 -2.12
N PHE A 241 -6.87 10.32 -0.92
CA PHE A 241 -7.24 9.25 -0.05
C PHE A 241 -8.67 9.39 0.43
N GLN A 242 -9.22 8.30 0.94
CA GLN A 242 -10.57 8.32 1.54
C GLN A 242 -10.63 7.38 2.74
N LYS A 243 -11.66 7.59 3.54
CA LYS A 243 -11.88 6.76 4.71
C LYS A 243 -13.34 6.89 5.13
N TRP A 244 -13.83 5.87 5.81
CA TRP A 244 -15.15 5.92 6.52
C TRP A 244 -15.12 5.22 7.88
N ALA A 245 -16.02 5.66 8.76
CA ALA A 245 -16.18 5.10 10.09
C ALA A 245 -17.67 5.11 10.36
N SER A 246 -18.20 4.03 10.89
CA SER A 246 -19.63 3.97 11.18
C SER A 246 -19.88 3.60 12.63
N VAL A 247 -21.10 3.90 13.09
CA VAL A 247 -21.60 3.51 14.39
C VAL A 247 -23.05 3.12 14.25
N VAL A 248 -23.51 2.24 15.12
CA VAL A 248 -24.90 1.86 15.14
C VAL A 248 -25.56 2.50 16.35
N VAL A 249 -26.61 3.25 16.09
CA VAL A 249 -27.30 4.00 17.10
C VAL A 249 -28.79 3.66 17.11
N PRO A 250 -29.49 4.06 18.17
CA PRO A 250 -30.94 3.83 18.23
C PRO A 250 -31.63 4.73 17.27
N LEU A 251 -32.67 4.21 16.63
CA LEU A 251 -33.51 4.98 15.72
C LEU A 251 -34.19 6.11 16.46
N GLY A 252 -34.31 7.25 15.79
CA GLY A 252 -34.88 8.44 16.39
C GLY A 252 -33.91 9.26 17.24
N LYS A 253 -32.68 8.78 17.38
CA LYS A 253 -31.68 9.45 18.20
C LYS A 253 -30.41 9.82 17.42
N GLU A 254 -30.50 9.79 16.09
CA GLU A 254 -29.38 10.10 15.22
C GLU A 254 -28.79 11.50 15.45
N GLN A 255 -29.66 12.46 15.78
CA GLN A 255 -29.23 13.83 15.98
C GLN A 255 -28.31 14.01 17.18
N TYR A 256 -28.18 13.00 18.02
CA TYR A 256 -27.33 13.12 19.18
C TYR A 256 -25.88 12.66 18.91
N TYR A 257 -25.60 12.19 17.69
CA TYR A 257 -24.28 11.67 17.35
C TYR A 257 -23.58 12.59 16.35
N THR A 258 -22.29 12.86 16.57
CA THR A 258 -21.57 13.73 15.65
C THR A 258 -20.29 13.06 15.20
N CYS A 259 -20.00 13.24 13.92
CA CYS A 259 -18.78 12.75 13.35
C CYS A 259 -17.74 13.86 13.43
N HIS A 260 -16.53 13.52 13.83
CA HIS A 260 -15.46 14.52 13.81
C HIS A 260 -14.32 14.11 12.89
N VAL A 261 -13.84 15.05 12.09
CA VAL A 261 -12.76 14.81 11.12
C VAL A 261 -11.58 15.74 11.41
N TYR A 262 -10.44 15.13 11.75
CA TYR A 262 -9.21 15.84 12.06
C TYR A 262 -8.18 15.56 10.96
N HIS A 263 -7.59 16.59 10.40
CA HIS A 263 -6.63 16.47 9.29
C HIS A 263 -5.85 17.77 9.17
N GLN A 264 -4.64 17.65 8.66
CA GLN A 264 -3.68 18.74 8.46
C GLN A 264 -4.29 19.90 7.68
N GLY A 265 -5.27 19.61 6.82
CA GLY A 265 -5.95 20.64 6.04
C GLY A 265 -7.19 21.17 6.73
N LEU A 266 -7.35 20.88 8.03
CA LEU A 266 -8.51 21.36 8.80
C LEU A 266 -8.03 22.08 10.08
N PRO A 267 -7.83 23.40 9.96
CA PRO A 267 -7.44 24.21 11.10
C PRO A 267 -8.37 23.91 12.28
N GLU A 268 -9.64 23.84 11.98
CA GLU A 268 -10.59 23.42 12.96
C GLU A 268 -11.16 22.14 12.37
N PRO A 269 -11.21 21.09 13.19
CA PRO A 269 -11.78 19.81 12.75
C PRO A 269 -13.24 19.94 12.32
N LEU A 270 -13.64 19.16 11.32
CA LEU A 270 -15.03 19.16 10.88
C LEU A 270 -15.91 18.47 11.90
N THR A 271 -17.12 18.97 12.03
CA THR A 271 -18.13 18.32 12.86
C THR A 271 -19.39 18.17 12.00
N LEU A 272 -19.91 16.94 11.88
CA LEU A 272 -21.10 16.66 11.08
C LEU A 272 -22.04 15.76 11.81
N ARG A 273 -23.27 15.74 11.31
CA ARG A 273 -24.29 14.88 11.87
C ARG A 273 -25.26 14.51 10.77
N TRP A 274 -25.97 13.40 10.94
CA TRP A 274 -26.94 12.98 9.92
C TRP A 274 -27.98 14.05 9.70
N GLN B 2 -1.57 -18.07 5.16
CA GLN B 2 -2.66 -17.69 4.21
C GLN B 2 -3.62 -16.73 4.82
N LYS B 3 -3.84 -15.62 4.12
CA LYS B 3 -4.79 -14.63 4.52
C LYS B 3 -5.71 -14.27 3.33
N THR B 4 -7.00 -14.23 3.61
CA THR B 4 -8.02 -13.99 2.62
C THR B 4 -8.13 -12.50 2.36
N PRO B 5 -8.27 -12.10 1.12
CA PRO B 5 -8.32 -10.66 0.83
C PRO B 5 -9.57 -9.95 1.25
N GLN B 6 -9.42 -8.74 1.74
CA GLN B 6 -10.53 -7.86 1.94
C GLN B 6 -10.67 -7.17 0.62
N ILE B 7 -11.90 -7.02 0.17
CA ILE B 7 -12.19 -6.41 -1.14
C ILE B 7 -13.14 -5.23 -0.98
N GLN B 8 -12.65 -4.04 -1.33
CA GLN B 8 -13.40 -2.81 -1.17
C GLN B 8 -13.60 -2.08 -2.50
N VAL B 9 -14.85 -1.77 -2.84
CA VAL B 9 -15.21 -1.11 -4.07
C VAL B 9 -15.88 0.22 -3.77
N TYR B 10 -15.33 1.27 -4.36
CA TYR B 10 -15.74 2.62 -4.05
C TYR B 10 -15.35 3.60 -5.12
N SER B 11 -16.12 4.67 -5.24
CA SER B 11 -15.81 5.74 -6.20
C SER B 11 -15.04 6.88 -5.53
N ARG B 12 -14.30 7.63 -6.33
CA ARG B 12 -13.53 8.79 -5.86
C ARG B 12 -14.45 9.89 -5.37
N HIS B 13 -15.52 10.14 -6.12
CA HIS B 13 -16.52 11.20 -5.80
C HIS B 13 -17.85 10.56 -5.57
N PRO B 14 -18.75 11.18 -4.80
CA PRO B 14 -20.09 10.64 -4.63
C PRO B 14 -20.65 10.54 -6.03
N PRO B 15 -21.27 9.44 -6.36
CA PRO B 15 -21.72 9.19 -7.72
C PRO B 15 -22.85 10.11 -8.18
N GLU B 16 -22.68 10.72 -9.34
CA GLU B 16 -23.72 11.53 -9.96
C GLU B 16 -23.87 11.04 -11.41
N ASN B 17 -25.06 10.57 -11.78
CA ASN B 17 -25.22 10.08 -13.15
C ASN B 17 -24.77 11.11 -14.16
N GLY B 18 -23.99 10.70 -15.16
CA GLY B 18 -23.50 11.61 -16.18
C GLY B 18 -22.22 12.38 -15.89
N LYS B 19 -21.69 12.28 -14.67
CA LYS B 19 -20.48 12.98 -14.28
C LYS B 19 -19.26 12.03 -14.15
N PRO B 20 -18.16 12.30 -14.85
CA PRO B 20 -17.00 11.44 -14.80
C PRO B 20 -16.51 11.27 -13.37
N ASN B 21 -15.98 10.07 -13.10
CA ASN B 21 -15.57 9.66 -11.78
C ASN B 21 -14.50 8.63 -11.94
N ILE B 22 -14.11 7.99 -10.83
CA ILE B 22 -13.11 6.95 -10.83
C ILE B 22 -13.63 5.86 -9.93
N LEU B 23 -13.60 4.63 -10.42
CA LEU B 23 -14.00 3.49 -9.66
C LEU B 23 -12.75 2.76 -9.21
N ASN B 24 -12.75 2.39 -7.94
CA ASN B 24 -11.67 1.71 -7.27
C ASN B 24 -12.08 0.35 -6.71
N CYS B 25 -11.18 -0.60 -6.82
CA CYS B 25 -11.21 -1.89 -6.11
C CYS B 25 -9.93 -2.09 -5.36
N TYR B 26 -10.00 -1.93 -4.05
CA TYR B 26 -8.83 -2.04 -3.20
C TYR B 26 -8.86 -3.41 -2.57
N VAL B 27 -7.84 -4.20 -2.87
CA VAL B 27 -7.76 -5.58 -2.40
C VAL B 27 -6.62 -5.68 -1.41
N THR B 28 -6.96 -6.04 -0.17
CA THR B 28 -5.98 -5.96 0.91
C THR B 28 -5.91 -7.14 1.89
N GLN B 29 -4.85 -7.12 2.70
CA GLN B 29 -4.61 -8.06 3.79
C GLN B 29 -4.54 -9.50 3.31
N PHE B 30 -3.92 -9.71 2.13
CA PHE B 30 -3.83 -11.05 1.56
C PHE B 30 -2.43 -11.61 1.48
N HIS B 31 -2.38 -12.94 1.43
CA HIS B 31 -1.15 -13.69 1.31
C HIS B 31 -1.57 -15.15 1.00
N PRO B 32 -0.93 -15.82 0.06
CA PRO B 32 0.22 -15.34 -0.72
C PRO B 32 -0.11 -14.27 -1.78
N PRO B 33 0.90 -13.68 -2.42
CA PRO B 33 0.69 -12.58 -3.36
C PRO B 33 -0.02 -12.88 -4.65
N HIS B 34 0.04 -14.12 -5.14
CA HIS B 34 -0.62 -14.46 -6.38
C HIS B 34 -2.12 -14.16 -6.27
N ILE B 35 -2.61 -13.38 -7.20
CA ILE B 35 -4.01 -13.00 -7.18
C ILE B 35 -4.46 -12.51 -8.55
N GLU B 36 -5.75 -12.67 -8.82
CA GLU B 36 -6.34 -12.12 -10.04
C GLU B 36 -7.45 -11.19 -9.65
N ILE B 37 -7.42 -10.01 -10.21
CA ILE B 37 -8.38 -8.96 -9.92
C ILE B 37 -8.92 -8.41 -11.21
N GLN B 38 -10.23 -8.43 -11.35
CA GLN B 38 -10.90 -7.93 -12.55
C GLN B 38 -12.03 -7.01 -12.16
N MET B 39 -12.13 -5.87 -12.81
CA MET B 39 -13.25 -4.99 -12.61
C MET B 39 -14.22 -5.25 -13.76
N LEU B 40 -15.49 -5.28 -13.45
CA LEU B 40 -16.56 -5.62 -14.39
C LEU B 40 -17.64 -4.57 -14.46
N LYS B 41 -18.14 -4.30 -15.67
CA LYS B 41 -19.22 -3.38 -15.90
C LYS B 41 -20.31 -4.20 -16.61
N ASN B 42 -21.47 -4.29 -15.99
CA ASN B 42 -22.58 -5.10 -16.54
C ASN B 42 -22.11 -6.49 -16.91
N GLY B 43 -21.28 -7.07 -16.04
CA GLY B 43 -20.79 -8.44 -16.21
C GLY B 43 -19.63 -8.62 -17.19
N LYS B 44 -19.18 -7.55 -17.80
CA LYS B 44 -18.14 -7.66 -18.77
C LYS B 44 -16.85 -6.98 -18.27
N LYS B 45 -15.73 -7.63 -18.51
CA LYS B 45 -14.42 -7.12 -18.07
C LYS B 45 -14.20 -5.71 -18.62
N ILE B 46 -13.70 -4.81 -17.77
CA ILE B 46 -13.42 -3.47 -18.19
C ILE B 46 -11.94 -3.48 -18.70
N PRO B 47 -11.68 -3.06 -19.93
CA PRO B 47 -10.30 -3.12 -20.44
C PRO B 47 -9.45 -1.95 -19.91
N LYS B 48 -8.16 -2.17 -19.83
CA LYS B 48 -7.24 -1.07 -19.43
C LYS B 48 -7.40 -0.51 -18.00
N VAL B 49 -7.73 -1.39 -17.06
CA VAL B 49 -7.83 -1.00 -15.68
C VAL B 49 -6.42 -0.79 -15.21
N GLU B 50 -6.17 0.21 -14.39
CA GLU B 50 -4.83 0.47 -13.91
C GLU B 50 -4.59 -0.19 -12.55
N MET B 51 -3.48 -0.89 -12.42
CA MET B 51 -3.10 -1.47 -11.15
C MET B 51 -2.07 -0.56 -10.53
N SER B 52 -2.23 -0.27 -9.26
CA SER B 52 -1.31 0.67 -8.61
C SER B 52 -1.26 0.45 -7.10
N ASP B 53 -0.42 1.24 -6.46
CA ASP B 53 -0.36 1.25 -5.01
C ASP B 53 -0.17 -0.13 -4.41
N MET B 54 0.71 -0.92 -5.01
CA MET B 54 1.09 -2.23 -4.45
C MET B 54 2.08 -1.98 -3.29
N SER B 55 1.71 -2.54 -2.14
CA SER B 55 2.52 -2.42 -0.95
C SER B 55 2.21 -3.59 -0.02
N PHE B 56 2.95 -3.65 1.06
CA PHE B 56 2.58 -4.61 2.12
C PHE B 56 2.59 -3.96 3.52
N SER B 57 1.81 -4.50 4.45
CA SER B 57 1.75 -3.91 5.76
C SER B 57 2.82 -4.47 6.68
N LYS B 58 2.80 -3.99 7.91
CA LYS B 58 3.70 -4.49 8.97
C LYS B 58 3.58 -6.01 9.21
N ASP B 59 2.43 -6.63 8.95
CA ASP B 59 2.31 -8.08 9.12
C ASP B 59 2.59 -8.83 7.79
N TRP B 60 3.12 -8.10 6.82
CA TRP B 60 3.53 -8.59 5.51
C TRP B 60 2.41 -8.88 4.54
N SER B 61 1.16 -8.64 4.93
CA SER B 61 0.10 -8.89 3.97
C SER B 61 0.13 -7.85 2.85
N PHE B 62 -0.32 -8.28 1.70
CA PHE B 62 -0.34 -7.46 0.49
C PHE B 62 -1.57 -6.58 0.33
N TYR B 63 -1.35 -5.43 -0.30
CA TYR B 63 -2.33 -4.44 -0.64
C TYR B 63 -2.08 -4.03 -2.08
N ILE B 64 -3.17 -3.83 -2.83
CA ILE B 64 -3.11 -3.35 -4.22
C ILE B 64 -4.42 -2.74 -4.68
N LEU B 65 -4.31 -1.70 -5.50
CA LEU B 65 -5.44 -0.96 -6.04
C LEU B 65 -5.60 -1.18 -7.55
N ALA B 66 -6.83 -1.47 -7.93
CA ALA B 66 -7.26 -1.47 -9.31
C ALA B 66 -8.16 -0.27 -9.43
N HIS B 67 -7.96 0.51 -10.48
CA HIS B 67 -8.87 1.63 -10.69
C HIS B 67 -9.06 1.99 -12.18
N THR B 68 -10.18 2.62 -12.44
CA THR B 68 -10.59 3.00 -13.79
C THR B 68 -11.49 4.21 -13.79
N GLU B 69 -11.39 5.00 -14.85
CA GLU B 69 -12.24 6.13 -15.03
C GLU B 69 -13.59 5.57 -15.43
N PHE B 70 -14.66 6.22 -14.99
CA PHE B 70 -16.02 5.82 -15.36
C PHE B 70 -17.03 6.90 -15.15
N THR B 71 -18.08 6.90 -15.96
CA THR B 71 -19.14 7.84 -15.75
C THR B 71 -20.36 7.02 -15.37
N PRO B 72 -20.80 7.03 -14.13
CA PRO B 72 -21.96 6.22 -13.77
C PRO B 72 -23.23 6.63 -14.53
N THR B 73 -24.14 5.68 -14.67
CA THR B 73 -25.46 5.98 -15.20
C THR B 73 -26.42 5.29 -14.27
N GLU B 74 -27.70 5.62 -14.40
CA GLU B 74 -28.67 5.00 -13.54
C GLU B 74 -28.72 3.50 -13.80
N THR B 75 -28.42 3.02 -14.99
CA THR B 75 -28.56 1.56 -15.16
C THR B 75 -27.33 0.64 -14.95
N ASP B 76 -26.14 1.15 -15.22
CA ASP B 76 -24.92 0.33 -15.19
C ASP B 76 -24.58 -0.15 -13.78
N THR B 77 -24.21 -1.40 -13.69
CA THR B 77 -23.75 -2.00 -12.44
C THR B 77 -22.28 -2.33 -12.60
N TYR B 78 -21.54 -2.28 -11.50
CA TYR B 78 -20.10 -2.53 -11.49
C TYR B 78 -19.71 -3.44 -10.31
N ALA B 79 -18.70 -4.27 -10.54
CA ALA B 79 -18.19 -5.13 -9.51
C ALA B 79 -16.71 -5.40 -9.72
N CYS B 80 -16.12 -6.01 -8.71
CA CYS B 80 -14.74 -6.41 -8.72
C CYS B 80 -14.70 -7.88 -8.36
N ARG B 81 -14.10 -8.67 -9.23
CA ARG B 81 -14.01 -10.10 -9.04
C ARG B 81 -12.57 -10.50 -8.77
N VAL B 82 -12.36 -11.27 -7.70
CA VAL B 82 -11.04 -11.62 -7.23
C VAL B 82 -10.90 -13.14 -7.08
N LYS B 83 -9.78 -13.66 -7.54
CA LYS B 83 -9.47 -15.06 -7.39
C LYS B 83 -8.21 -15.15 -6.58
N HIS B 84 -8.27 -15.89 -5.50
CA HIS B 84 -7.12 -16.10 -4.63
C HIS B 84 -7.20 -17.50 -4.04
N ASP B 85 -6.06 -18.09 -3.68
CA ASP B 85 -6.02 -19.46 -3.17
C ASP B 85 -6.73 -19.67 -1.86
N SER B 86 -6.96 -18.61 -1.09
CA SER B 86 -7.65 -18.71 0.18
C SER B 86 -9.15 -18.96 0.00
N MET B 87 -9.63 -18.77 -1.20
CA MET B 87 -11.05 -18.88 -1.47
C MET B 87 -11.32 -19.99 -2.46
N ALA B 88 -12.33 -20.79 -2.18
CA ALA B 88 -12.69 -21.88 -3.07
C ALA B 88 -13.21 -21.37 -4.40
N GLU B 89 -14.05 -20.35 -4.36
CA GLU B 89 -14.69 -19.77 -5.53
C GLU B 89 -14.20 -18.33 -5.73
N PRO B 90 -14.18 -17.84 -6.95
CA PRO B 90 -13.89 -16.41 -7.11
C PRO B 90 -14.91 -15.60 -6.34
N LYS B 91 -14.50 -14.46 -5.80
CA LYS B 91 -15.38 -13.61 -5.04
C LYS B 91 -15.72 -12.34 -5.83
N THR B 92 -17.03 -12.11 -6.02
CA THR B 92 -17.50 -10.98 -6.78
C THR B 92 -18.09 -9.97 -5.81
N VAL B 93 -17.52 -8.77 -5.74
CA VAL B 93 -18.01 -7.70 -4.84
C VAL B 93 -18.57 -6.53 -5.67
N TYR B 94 -19.85 -6.26 -5.51
CA TYR B 94 -20.48 -5.21 -6.22
C TYR B 94 -20.25 -3.87 -5.59
N TRP B 95 -20.14 -2.86 -6.45
CA TRP B 95 -20.15 -1.48 -6.05
C TRP B 95 -21.55 -1.17 -5.48
N ASP B 96 -21.56 -0.65 -4.26
CA ASP B 96 -22.76 -0.18 -3.57
C ASP B 96 -22.78 1.33 -3.58
N ARG B 97 -23.48 1.93 -4.52
CA ARG B 97 -23.43 3.39 -4.66
C ARG B 97 -24.12 4.16 -3.50
N ASP B 98 -24.84 3.45 -2.64
CA ASP B 98 -25.57 4.09 -1.53
C ASP B 98 -24.86 3.90 -0.17
N MET B 99 -23.71 3.23 -0.15
CA MET B 99 -23.02 2.98 1.09
C MET B 99 -22.73 4.24 1.86
N PHE C 1 16.06 6.93 -4.80
CA PHE C 1 17.19 6.18 -5.38
C PHE C 1 17.33 4.88 -4.57
N ALA C 2 16.98 3.79 -5.27
CA ALA C 2 16.85 2.44 -4.73
C ALA C 2 18.14 1.90 -4.16
N PRO C 3 18.01 1.04 -3.17
CA PRO C 3 19.18 0.30 -2.70
C PRO C 3 19.70 -0.49 -3.89
N GLY C 4 20.99 -0.65 -3.95
CA GLY C 4 21.52 -1.60 -4.92
C GLY C 4 22.29 -2.65 -4.14
N ASN C 5 22.40 -3.85 -4.67
CA ASN C 5 23.27 -4.84 -4.09
C ASN C 5 22.75 -5.46 -2.80
N TYR C 6 21.47 -5.91 -2.78
CA TYR C 6 20.91 -6.67 -1.67
C TYR C 6 21.77 -7.94 -1.54
N PRO C 7 22.61 -8.01 -0.51
CA PRO C 7 23.49 -9.16 -0.31
C PRO C 7 22.67 -10.44 -0.21
N ALA C 8 23.21 -11.53 -0.73
CA ALA C 8 22.51 -12.77 -0.72
C ALA C 8 22.32 -13.30 0.70
N LEU C 9 21.17 -13.93 0.92
CA LEU C 9 20.84 -14.53 2.20
C LEU C 9 21.69 -15.76 2.48
C1 NAG D . 7.38 24.29 -5.57
C2 NAG D . 6.37 25.41 -5.34
C3 NAG D . 6.57 26.60 -6.26
C4 NAG D . 8.02 27.01 -6.47
C5 NAG D . 8.89 25.74 -6.72
C6 NAG D . 10.34 26.21 -6.88
C7 NAG D . 4.14 24.91 -4.62
C8 NAG D . 2.68 24.78 -5.02
N2 NAG D . 5.03 24.93 -5.59
O3 NAG D . 5.88 27.70 -5.70
O4 NAG D . 8.02 27.84 -7.63
O5 NAG D . 8.71 24.80 -5.66
O6 NAG D . 11.40 25.29 -7.10
O7 NAG D . 4.50 24.99 -3.44
C1 NAG D . 8.57 29.18 -7.39
C2 NAG D . 9.21 29.76 -8.70
C3 NAG D . 9.48 31.25 -8.59
C4 NAG D . 8.31 31.90 -7.86
C5 NAG D . 8.09 31.38 -6.44
C6 NAG D . 6.72 31.86 -5.95
C7 NAG D . 10.34 28.41 -10.33
C8 NAG D . 11.62 27.85 -10.90
N2 NAG D . 10.41 29.10 -9.19
O3 NAG D . 9.66 31.80 -9.88
O4 NAG D . 8.59 33.29 -7.79
O5 NAG D . 8.30 29.98 -6.24
O6 NAG D . 5.71 31.46 -6.85
O7 NAG D . 9.27 28.20 -10.93
C1 FUC D . 11.31 24.45 -8.26
C2 FUC D . 12.58 23.65 -8.56
C3 FUC D . 12.37 22.18 -8.18
C4 FUC D . 11.19 21.61 -8.98
C5 FUC D . 9.94 22.45 -8.79
C6 FUC D . 8.88 22.03 -9.80
O2 FUC D . 13.62 24.19 -7.80
O3 FUC D . 13.54 21.40 -8.33
O4 FUC D . 11.46 21.50 -10.34
O5 FUC D . 10.15 23.86 -8.90
P PO4 E . 2.70 -14.14 -9.45
O1 PO4 E . 1.53 -13.28 -9.91
O2 PO4 E . 2.18 -15.56 -9.21
O3 PO4 E . 3.72 -14.13 -10.55
O4 PO4 E . 3.31 -13.63 -8.17
P PO4 F . 21.68 13.97 -5.17
O1 PO4 F . 20.38 13.59 -4.48
O2 PO4 F . 22.34 12.76 -5.76
O3 PO4 F . 21.42 14.94 -6.29
O4 PO4 F . 22.62 14.60 -4.17
C1 MPD G . 15.37 -20.75 17.70
C2 MPD G . 15.44 -19.24 17.93
O2 MPD G . 14.34 -18.63 17.22
CM MPD G . 15.22 -18.96 19.41
C3 MPD G . 16.82 -18.68 17.55
C4 MPD G . 16.85 -17.56 16.53
O4 MPD G . 15.94 -16.52 16.81
C5 MPD G . 18.23 -17.01 16.36
C1 MPD H . 0.14 -8.57 -5.81
C2 MPD H . 0.79 -9.15 -7.06
O2 MPD H . 0.35 -10.54 -7.11
CM MPD H . 0.26 -8.37 -8.25
C3 MPD H . 2.30 -9.00 -7.01
C4 MPD H . 3.07 -10.25 -6.64
O4 MPD H . 2.67 -11.40 -7.34
C5 MPD H . 4.59 -10.07 -6.75
C1 MPD I . -19.40 7.72 -3.48
C2 MPD I . -18.52 7.57 -2.27
O2 MPD I . -17.27 8.22 -2.53
CM MPD I . -19.11 8.33 -1.10
C3 MPD I . -18.25 6.10 -1.95
C4 MPD I . -19.01 5.03 -2.76
O4 MPD I . -18.47 4.68 -3.96
C5 MPD I . -18.99 3.67 -2.07
#